data_7RGV
#
_entry.id   7RGV
#
_cell.length_a   113.948
_cell.length_b   113.948
_cell.length_c   48.695
_cell.angle_alpha   90.000
_cell.angle_beta   90.000
_cell.angle_gamma   120.000
#
_symmetry.space_group_name_H-M   'P 63'
#
loop_
_entity.id
_entity.type
_entity.pdbx_description
1 polymer 'Thioredoxin domain-containing protein'
2 water water
#
_entity_poly.entity_id   1
_entity_poly.type   'polypeptide(L)'
_entity_poly.pdbx_seq_one_letter_code
;MSDQSKPDKAFGEKVRAYLLEHPEVLMEASQKLQEKQAAQQAVSSQKAIGEYRQAIERDPRDIVINPAGTITVTEFFDYR
CGYCRQATPAVLELVQKNPDIRLVLKDFVIFGNDSEAAARIALGAKDQGKSLELHKALMAENALDARGALRIAERLGIDM
DKAKAVGESQAITQHLADTDALARALNLSGTPAFIVGDTLVPGADIDALKLAIEQTRAARAKAGLEENLYF
;
_entity_poly.pdbx_strand_id   A
#
# COMPACT_ATOMS: atom_id res chain seq x y z
N SER A 2 3.97 -50.69 -26.84
CA SER A 2 4.85 -50.35 -27.96
C SER A 2 6.30 -50.69 -27.66
N ASP A 3 7.10 -50.81 -28.72
CA ASP A 3 8.53 -51.07 -28.58
C ASP A 3 9.35 -50.19 -29.51
N GLN A 4 8.80 -49.08 -29.99
CA GLN A 4 9.39 -48.37 -31.11
C GLN A 4 8.84 -46.96 -31.18
N SER A 5 9.74 -45.97 -31.22
CA SER A 5 9.36 -44.59 -31.50
C SER A 5 9.14 -44.44 -33.00
N LYS A 6 7.94 -44.05 -33.40
CA LYS A 6 7.55 -44.04 -34.81
C LYS A 6 7.19 -42.62 -35.25
N PRO A 7 8.03 -41.94 -36.01
CA PRO A 7 7.71 -40.56 -36.40
C PRO A 7 6.46 -40.50 -37.28
N ASP A 8 5.83 -39.32 -37.27
CA ASP A 8 4.58 -39.07 -38.00
C ASP A 8 4.67 -37.67 -38.59
N LYS A 9 5.40 -37.54 -39.71
CA LYS A 9 5.61 -36.23 -40.31
C LYS A 9 4.29 -35.58 -40.72
N ALA A 10 3.30 -36.37 -41.14
CA ALA A 10 2.05 -35.79 -41.61
C ALA A 10 1.26 -35.13 -40.48
N PHE A 11 1.29 -35.74 -39.29
CA PHE A 11 0.65 -35.11 -38.13
C PHE A 11 1.32 -33.77 -37.80
N GLY A 12 2.65 -33.72 -37.82
CA GLY A 12 3.34 -32.47 -37.52
C GLY A 12 3.07 -31.40 -38.55
N GLU A 13 3.03 -31.76 -39.83
CA GLU A 13 2.71 -30.79 -40.87
C GLU A 13 1.33 -30.19 -40.64
N LYS A 14 0.35 -31.01 -40.26
CA LYS A 14 -0.99 -30.50 -40.00
C LYS A 14 -1.00 -29.57 -38.78
N VAL A 15 -0.21 -29.89 -37.75
CA VAL A 15 -0.08 -29.01 -36.60
C VAL A 15 0.47 -27.66 -37.04
N ARG A 16 1.56 -27.68 -37.81
CA ARG A 16 2.18 -26.44 -38.26
C ARG A 16 1.22 -25.63 -39.13
N ALA A 17 0.51 -26.29 -40.04
CA ALA A 17 -0.43 -25.60 -40.90
C ALA A 17 -1.49 -24.87 -40.07
N TYR A 18 -2.08 -25.56 -39.11
CA TYR A 18 -3.08 -24.92 -38.27
C TYR A 18 -2.50 -23.70 -37.56
N LEU A 19 -1.36 -23.88 -36.88
CA LEU A 19 -0.79 -22.78 -36.10
C LEU A 19 -0.49 -21.58 -36.98
N LEU A 20 0.03 -21.82 -38.19
CA LEU A 20 0.35 -20.70 -39.06
C LEU A 20 -0.91 -20.03 -39.60
N GLU A 21 -1.98 -20.80 -39.80
CA GLU A 21 -3.24 -20.26 -40.31
C GLU A 21 -4.11 -19.70 -39.21
N HIS A 22 -3.89 -20.10 -37.95
CA HIS A 22 -4.62 -19.53 -36.81
C HIS A 22 -3.62 -19.28 -35.68
N PRO A 23 -2.66 -18.38 -35.90
CA PRO A 23 -1.67 -18.10 -34.85
C PRO A 23 -2.25 -17.42 -33.63
N GLU A 24 -3.51 -16.98 -33.69
CA GLU A 24 -4.13 -16.37 -32.52
C GLU A 24 -4.24 -17.35 -31.36
N VAL A 25 -4.14 -18.66 -31.64
CA VAL A 25 -4.14 -19.66 -30.57
C VAL A 25 -2.99 -19.41 -29.62
N LEU A 26 -1.87 -18.90 -30.12
CA LEU A 26 -0.72 -18.64 -29.27
C LEU A 26 -0.98 -17.46 -28.35
N MET A 27 -1.63 -16.41 -28.86
CA MET A 27 -2.04 -15.31 -27.98
C MET A 27 -2.97 -15.82 -26.89
N GLU A 28 -3.94 -16.66 -27.25
CA GLU A 28 -4.88 -17.18 -26.27
C GLU A 28 -4.17 -18.01 -25.21
N ALA A 29 -3.21 -18.85 -25.62
CA ALA A 29 -2.45 -19.64 -24.66
C ALA A 29 -1.57 -18.75 -23.79
N SER A 30 -0.98 -17.71 -24.39
CA SER A 30 -0.18 -16.77 -23.62
C SER A 30 -1.04 -16.06 -22.57
N GLN A 31 -2.28 -15.75 -22.93
CA GLN A 31 -3.18 -15.13 -21.96
C GLN A 31 -3.48 -16.07 -20.80
N LYS A 32 -3.71 -17.35 -21.10
CA LYS A 32 -3.91 -18.34 -20.04
C LYS A 32 -2.73 -18.36 -19.09
N LEU A 33 -1.51 -18.36 -19.64
CA LEU A 33 -0.32 -18.40 -18.80
C LEU A 33 -0.20 -17.14 -17.94
N GLN A 34 -0.55 -15.99 -18.51
CA GLN A 34 -0.50 -14.75 -17.74
C GLN A 34 -1.50 -14.78 -16.58
N GLU A 35 -2.70 -15.29 -16.83
CA GLU A 35 -3.67 -15.44 -15.74
C GLU A 35 -3.16 -16.39 -14.68
N LYS A 36 -2.45 -17.44 -15.09
CA LYS A 36 -1.83 -18.37 -14.15
C LYS A 36 -0.76 -17.66 -13.31
N GLN A 37 0.10 -16.89 -13.98
CA GLN A 37 1.16 -16.18 -13.27
C GLN A 37 0.59 -15.15 -12.31
N ALA A 38 -0.50 -14.47 -12.71
CA ALA A 38 -1.10 -13.48 -11.82
C ALA A 38 -1.69 -14.13 -10.58
N ALA A 39 -2.36 -15.28 -10.75
CA ALA A 39 -2.93 -15.99 -9.61
C ALA A 39 -1.83 -16.46 -8.66
N GLN A 40 -0.70 -16.92 -9.20
CA GLN A 40 0.43 -17.28 -8.35
C GLN A 40 0.91 -16.07 -7.55
N GLN A 41 1.05 -14.92 -8.22
CA GLN A 41 1.49 -13.72 -7.52
C GLN A 41 0.49 -13.30 -6.45
N ALA A 42 -0.80 -13.38 -6.76
CA ALA A 42 -1.82 -13.04 -5.76
C ALA A 42 -1.69 -13.92 -4.53
N VAL A 43 -1.47 -15.22 -4.72
CA VAL A 43 -1.31 -16.13 -3.59
C VAL A 43 -0.08 -15.74 -2.77
N SER A 44 1.05 -15.53 -3.44
CA SER A 44 2.27 -15.15 -2.73
C SER A 44 2.08 -13.87 -1.94
N SER A 45 1.37 -12.90 -2.51
CA SER A 45 1.18 -11.62 -1.84
C SER A 45 0.34 -11.78 -0.58
N GLN A 46 -0.76 -12.53 -0.67
CA GLN A 46 -1.63 -12.69 0.49
C GLN A 46 -0.97 -13.55 1.57
N LYS A 47 -0.17 -14.54 1.17
CA LYS A 47 0.59 -15.32 2.16
C LYS A 47 1.60 -14.45 2.88
N ALA A 48 2.24 -13.52 2.16
CA ALA A 48 3.18 -12.61 2.80
C ALA A 48 2.47 -11.63 3.72
N ILE A 49 1.32 -11.10 3.28
CA ILE A 49 0.54 -10.21 4.14
C ILE A 49 0.19 -10.91 5.45
N GLY A 50 -0.18 -12.19 5.38
CA GLY A 50 -0.49 -12.92 6.59
C GLY A 50 0.74 -13.21 7.43
N GLU A 51 1.89 -13.41 6.79
CA GLU A 51 3.11 -13.71 7.53
C GLU A 51 3.55 -12.53 8.38
N TYR A 52 3.47 -11.32 7.82
CA TYR A 52 3.94 -10.11 8.49
C TYR A 52 2.79 -9.26 9.04
N ARG A 53 1.64 -9.88 9.32
CA ARG A 53 0.49 -9.11 9.77
C ARG A 53 0.79 -8.40 11.10
N GLN A 54 1.57 -9.05 11.97
CA GLN A 54 1.92 -8.44 13.25
C GLN A 54 2.61 -7.10 13.05
N ALA A 55 3.46 -7.00 12.02
CA ALA A 55 4.15 -5.74 11.75
C ALA A 55 3.28 -4.78 10.96
N ILE A 56 2.52 -5.29 10.00
CA ILE A 56 1.70 -4.42 9.16
C ILE A 56 0.67 -3.69 10.01
N GLU A 57 -0.09 -4.42 10.82
CA GLU A 57 -1.26 -3.87 11.47
C GLU A 57 -1.06 -3.48 12.93
N ARG A 58 -0.04 -4.03 13.60
CA ARG A 58 0.13 -3.84 15.05
C ARG A 58 1.60 -3.48 15.35
N ASP A 59 2.00 -2.28 14.92
CA ASP A 59 3.30 -1.74 15.28
C ASP A 59 3.09 -0.52 16.17
N PRO A 60 3.54 -0.53 17.43
CA PRO A 60 3.22 0.60 18.32
C PRO A 60 3.70 1.94 17.80
N ARG A 61 4.79 1.96 17.03
CA ARG A 61 5.34 3.22 16.53
C ARG A 61 4.48 3.84 15.43
N ASP A 62 3.52 3.11 14.88
CA ASP A 62 2.75 3.58 13.75
C ASP A 62 1.69 4.59 14.18
N ILE A 63 1.43 5.55 13.29
CA ILE A 63 0.30 6.46 13.44
C ILE A 63 -0.96 5.73 13.04
N VAL A 64 -1.97 5.76 13.90
CA VAL A 64 -3.20 5.00 13.71
C VAL A 64 -4.38 5.95 13.89
N ILE A 65 -5.21 6.06 12.86
CA ILE A 65 -6.43 6.85 12.93
C ILE A 65 -7.57 5.94 13.36
N ASN A 66 -8.36 6.39 14.33
CA ASN A 66 -9.45 5.60 14.90
C ASN A 66 -8.92 4.27 15.38
N PRO A 67 -8.03 4.26 16.39
CA PRO A 67 -7.49 2.99 16.89
C PRO A 67 -8.53 2.04 17.42
N ALA A 68 -9.77 2.49 17.64
CA ALA A 68 -10.82 1.60 18.10
C ALA A 68 -11.28 0.63 17.02
N GLY A 69 -11.03 0.94 15.75
CA GLY A 69 -11.55 0.16 14.65
C GLY A 69 -11.25 -1.32 14.72
N THR A 70 -12.22 -2.14 14.30
CA THR A 70 -11.99 -3.58 14.20
C THR A 70 -11.26 -3.94 12.92
N ILE A 71 -11.65 -3.33 11.81
CA ILE A 71 -11.06 -3.63 10.50
C ILE A 71 -9.84 -2.73 10.32
N THR A 72 -8.67 -3.35 10.13
CA THR A 72 -7.41 -2.64 10.02
C THR A 72 -7.06 -2.47 8.54
N VAL A 73 -6.99 -1.22 8.09
CA VAL A 73 -6.55 -0.87 6.75
C VAL A 73 -5.20 -0.19 6.87
N THR A 74 -4.15 -0.84 6.38
CA THR A 74 -2.82 -0.26 6.37
C THR A 74 -2.58 0.43 5.04
N GLU A 75 -2.00 1.63 5.10
CA GLU A 75 -1.66 2.40 3.89
C GLU A 75 -0.18 2.72 3.91
N PHE A 76 0.53 2.30 2.86
CA PHE A 76 1.88 2.76 2.58
C PHE A 76 1.78 3.97 1.65
N PHE A 77 2.36 5.09 2.06
CA PHE A 77 2.19 6.33 1.31
C PHE A 77 3.44 7.20 1.43
N ASP A 78 3.52 8.16 0.51
CA ASP A 78 4.54 9.21 0.52
C ASP A 78 3.80 10.55 0.44
N TYR A 79 4.14 11.47 1.33
CA TYR A 79 3.42 12.74 1.43
C TYR A 79 3.52 13.58 0.16
N ARG A 80 4.44 13.26 -0.75
CA ARG A 80 4.59 14.03 -1.98
C ARG A 80 4.27 13.23 -3.23
N CYS A 81 3.62 12.07 -3.09
CA CYS A 81 3.14 11.30 -4.22
CA CYS A 81 3.13 11.31 -4.22
C CYS A 81 1.74 11.80 -4.58
N GLY A 82 1.57 12.22 -5.83
CA GLY A 82 0.29 12.78 -6.25
C GLY A 82 -0.87 11.82 -6.05
N TYR A 83 -0.64 10.53 -6.33
CA TYR A 83 -1.71 9.55 -6.14
C TYR A 83 -2.10 9.44 -4.67
N CYS A 84 -1.11 9.54 -3.78
CA CYS A 84 -1.41 9.54 -2.35
CA CYS A 84 -1.41 9.53 -2.35
C CYS A 84 -2.21 10.77 -1.95
N ARG A 85 -1.86 11.93 -2.52
CA ARG A 85 -2.55 13.17 -2.16
C ARG A 85 -3.97 13.19 -2.68
N GLN A 86 -4.21 12.61 -3.86
CA GLN A 86 -5.55 12.61 -4.43
C GLN A 86 -6.44 11.56 -3.77
N ALA A 87 -5.86 10.48 -3.24
CA ALA A 87 -6.63 9.47 -2.54
C ALA A 87 -6.87 9.82 -1.08
N THR A 88 -6.02 10.66 -0.49
CA THR A 88 -6.14 10.99 0.93
C THR A 88 -7.52 11.49 1.32
N PRO A 89 -8.10 12.48 0.63
CA PRO A 89 -9.44 12.95 1.05
C PRO A 89 -10.47 11.83 1.11
N ALA A 90 -10.44 10.91 0.13
CA ALA A 90 -11.40 9.82 0.13
C ALA A 90 -11.11 8.82 1.25
N VAL A 91 -9.84 8.53 1.51
CA VAL A 91 -9.48 7.64 2.61
C VAL A 91 -10.04 8.19 3.91
N LEU A 92 -9.87 9.50 4.14
CA LEU A 92 -10.31 10.10 5.40
C LEU A 92 -11.83 10.16 5.48
N GLU A 93 -12.50 10.39 4.36
CA GLU A 93 -13.96 10.33 4.35
C GLU A 93 -14.45 8.92 4.63
N LEU A 94 -13.70 7.91 4.20
CA LEU A 94 -14.11 6.53 4.42
C LEU A 94 -13.99 6.16 5.89
N VAL A 95 -12.91 6.57 6.55
CA VAL A 95 -12.82 6.41 8.00
C VAL A 95 -13.88 7.24 8.69
N GLN A 96 -14.25 8.38 8.09
CA GLN A 96 -15.23 9.27 8.68
C GLN A 96 -16.62 8.62 8.72
N LYS A 97 -16.96 7.88 7.68
CA LYS A 97 -18.29 7.30 7.54
C LYS A 97 -18.39 5.88 8.10
N ASN A 98 -17.26 5.21 8.34
CA ASN A 98 -17.25 3.85 8.88
C ASN A 98 -16.35 3.81 10.12
N PRO A 99 -16.92 4.01 11.31
CA PRO A 99 -16.07 4.07 12.51
C PRO A 99 -15.30 2.80 12.80
N ASP A 100 -15.79 1.65 12.34
CA ASP A 100 -15.14 0.37 12.63
C ASP A 100 -13.87 0.15 11.82
N ILE A 101 -13.32 1.18 11.21
CA ILE A 101 -12.09 1.08 10.42
C ILE A 101 -10.93 1.60 11.26
N ARG A 102 -9.81 0.88 11.19
CA ARG A 102 -8.58 1.23 11.90
C ARG A 102 -7.52 1.49 10.84
N LEU A 103 -7.12 2.76 10.69
CA LEU A 103 -6.24 3.18 9.60
C LEU A 103 -4.81 3.28 10.12
N VAL A 104 -3.97 2.34 9.72
CA VAL A 104 -2.54 2.38 10.03
C VAL A 104 -1.84 3.15 8.93
N LEU A 105 -1.03 4.14 9.30
CA LEU A 105 -0.34 5.01 8.36
C LEU A 105 1.14 4.64 8.39
N LYS A 106 1.61 4.00 7.32
CA LYS A 106 3.01 3.67 7.13
C LYS A 106 3.64 4.74 6.26
N ASP A 107 4.78 5.28 6.70
CA ASP A 107 5.50 6.29 5.93
C ASP A 107 6.49 5.58 5.02
N PHE A 108 6.11 5.40 3.76
CA PHE A 108 6.93 4.71 2.76
C PHE A 108 7.57 5.79 1.88
N VAL A 109 8.67 6.34 2.36
CA VAL A 109 9.35 7.44 1.67
C VAL A 109 10.05 6.87 0.43
N ILE A 110 9.56 7.25 -0.76
CA ILE A 110 10.18 6.86 -2.01
C ILE A 110 10.90 8.00 -2.70
N PHE A 111 10.69 9.23 -2.25
CA PHE A 111 11.32 10.41 -2.82
C PHE A 111 12.47 10.86 -1.92
N GLY A 112 12.94 12.09 -2.11
CA GLY A 112 14.16 12.54 -1.46
C GLY A 112 13.97 13.12 -0.08
N ASN A 113 14.73 14.18 0.22
CA ASN A 113 14.77 14.70 1.58
C ASN A 113 13.46 15.33 1.98
N ASP A 114 12.77 16.01 1.06
CA ASP A 114 11.52 16.67 1.40
C ASP A 114 10.51 15.67 1.96
N SER A 115 10.29 14.57 1.26
CA SER A 115 9.35 13.56 1.75
C SER A 115 9.81 12.97 3.07
N GLU A 116 11.11 12.70 3.20
CA GLU A 116 11.64 12.21 4.48
C GLU A 116 11.38 13.20 5.59
N ALA A 117 11.41 14.50 5.29
CA ALA A 117 11.19 15.51 6.32
C ALA A 117 9.73 15.54 6.76
N ALA A 118 8.80 15.43 5.82
CA ALA A 118 7.38 15.39 6.18
C ALA A 118 7.07 14.18 7.06
N ALA A 119 7.62 13.02 6.70
CA ALA A 119 7.38 11.82 7.50
C ALA A 119 7.93 11.97 8.92
N ARG A 120 9.14 12.53 9.05
CA ARG A 120 9.73 12.68 10.38
C ARG A 120 8.94 13.64 11.24
N ILE A 121 8.45 14.73 10.65
CA ILE A 121 7.59 15.65 11.41
C ILE A 121 6.35 14.93 11.89
N ALA A 122 5.69 14.18 11.01
CA ALA A 122 4.47 13.47 11.39
C ALA A 122 4.75 12.48 12.51
N LEU A 123 5.83 11.71 12.40
CA LEU A 123 6.14 10.72 13.43
C LEU A 123 6.60 11.39 14.72
N GLY A 124 7.23 12.57 14.63
CA GLY A 124 7.63 13.27 15.84
C GLY A 124 6.44 13.84 16.60
N ALA A 125 5.45 14.35 15.88
CA ALA A 125 4.25 14.90 16.49
C ALA A 125 3.21 13.83 16.81
N LYS A 126 3.49 12.57 16.49
CA LYS A 126 2.51 11.49 16.66
C LYS A 126 1.82 11.57 18.01
N ASP A 127 2.61 11.71 19.08
CA ASP A 127 2.07 11.59 20.43
C ASP A 127 1.48 12.89 20.96
N GLN A 128 1.32 13.90 20.11
CA GLN A 128 0.65 15.14 20.48
C GLN A 128 -0.81 15.18 20.03
N GLY A 129 -1.30 14.08 19.47
CA GLY A 129 -2.73 13.94 19.20
C GLY A 129 -3.27 14.85 18.12
N LYS A 130 -2.50 15.07 17.05
CA LYS A 130 -2.94 15.91 15.94
C LYS A 130 -2.53 15.26 14.62
N SER A 131 -2.65 13.94 14.53
CA SER A 131 -2.17 13.23 13.36
C SER A 131 -3.14 13.34 12.18
N LEU A 132 -4.45 13.21 12.44
CA LEU A 132 -5.42 13.33 11.35
C LEU A 132 -5.31 14.70 10.68
N GLU A 133 -5.22 15.77 11.48
CA GLU A 133 -5.19 17.12 10.91
C GLU A 133 -3.87 17.37 10.17
N LEU A 134 -2.75 16.97 10.75
CA LEU A 134 -1.46 17.19 10.10
C LEU A 134 -1.35 16.36 8.82
N HIS A 135 -1.83 15.12 8.85
CA HIS A 135 -1.81 14.29 7.65
C HIS A 135 -2.61 14.95 6.52
N LYS A 136 -3.81 15.42 6.84
CA LYS A 136 -4.65 16.04 5.82
C LYS A 136 -4.03 17.34 5.31
N ALA A 137 -3.42 18.12 6.21
CA ALA A 137 -2.86 19.41 5.80
C ALA A 137 -1.60 19.24 4.96
N LEU A 138 -0.71 18.32 5.37
CA LEU A 138 0.48 18.06 4.57
C LEU A 138 0.11 17.57 3.18
N MET A 139 -0.84 16.64 3.10
CA MET A 139 -1.32 16.15 1.81
C MET A 139 -2.04 17.24 1.02
N ALA A 140 -2.49 18.30 1.68
CA ALA A 140 -3.22 19.36 0.99
C ALA A 140 -2.29 20.34 0.29
N GLU A 141 -1.07 20.50 0.79
CA GLU A 141 -0.12 21.41 0.16
C GLU A 141 0.32 20.87 -1.19
N ASN A 142 0.17 21.69 -2.23
CA ASN A 142 0.50 21.26 -3.58
C ASN A 142 1.98 20.88 -3.68
N ALA A 143 2.87 21.83 -3.41
CA ALA A 143 4.31 21.63 -3.53
C ALA A 143 4.92 21.64 -2.13
N LEU A 144 4.74 20.53 -1.42
CA LEU A 144 5.20 20.43 -0.04
C LEU A 144 6.73 20.41 0.00
N ASP A 145 7.32 21.44 0.60
CA ASP A 145 8.74 21.48 0.92
C ASP A 145 8.95 21.09 2.38
N ALA A 146 10.23 20.94 2.75
CA ALA A 146 10.54 20.76 4.17
C ALA A 146 10.20 22.01 4.95
N ARG A 147 10.50 23.18 4.39
CA ARG A 147 10.07 24.44 5.01
C ARG A 147 8.56 24.51 5.11
N GLY A 148 7.86 24.13 4.04
CA GLY A 148 6.40 24.13 4.08
C GLY A 148 5.84 23.20 5.12
N ALA A 149 6.39 21.98 5.21
CA ALA A 149 5.90 21.02 6.20
C ALA A 149 6.01 21.58 7.61
N LEU A 150 7.12 22.27 7.92
CA LEU A 150 7.28 22.86 9.24
C LEU A 150 6.26 23.97 9.47
N ARG A 151 6.03 24.80 8.44
CA ARG A 151 5.04 25.87 8.58
C ARG A 151 3.63 25.30 8.77
N ILE A 152 3.33 24.17 8.13
CA ILE A 152 2.00 23.56 8.31
C ILE A 152 1.88 23.00 9.73
N ALA A 153 2.90 22.28 10.20
CA ALA A 153 2.88 21.75 11.56
C ALA A 153 2.86 22.86 12.59
N GLU A 154 3.51 23.99 12.31
CA GLU A 154 3.47 25.11 13.23
C GLU A 154 2.08 25.74 13.27
N ARG A 155 1.43 25.86 12.12
CA ARG A 155 0.09 26.46 12.06
C ARG A 155 -0.99 25.58 12.68
N LEU A 156 -0.64 24.39 13.19
CA LEU A 156 -1.60 23.52 13.85
C LEU A 156 -1.32 23.38 15.34
N GLY A 157 -0.52 24.27 15.91
CA GLY A 157 -0.28 24.27 17.34
C GLY A 157 0.62 23.15 17.84
N ILE A 158 1.21 22.36 16.95
CA ILE A 158 2.10 21.30 17.38
C ILE A 158 3.29 21.87 18.11
N ASP A 159 3.68 21.23 19.21
CA ASP A 159 4.90 21.61 19.94
C ASP A 159 6.08 21.34 19.01
N MET A 160 6.57 22.39 18.37
CA MET A 160 7.55 22.23 17.30
C MET A 160 8.89 21.78 17.86
N ASP A 161 9.33 22.36 18.97
CA ASP A 161 10.62 21.97 19.55
C ASP A 161 10.63 20.49 19.87
N LYS A 162 9.56 19.97 20.44
CA LYS A 162 9.53 18.55 20.83
C LYS A 162 9.25 17.66 19.63
N ALA A 163 8.36 18.09 18.72
CA ALA A 163 8.11 17.29 17.52
C ALA A 163 9.36 17.16 16.68
N LYS A 164 10.14 18.23 16.56
CA LYS A 164 11.40 18.15 15.81
C LYS A 164 12.41 17.28 16.53
N ALA A 165 12.41 17.30 17.86
CA ALA A 165 13.35 16.47 18.61
C ALA A 165 13.08 14.99 18.37
N VAL A 166 11.81 14.58 18.46
CA VAL A 166 11.47 13.18 18.24
C VAL A 166 11.66 12.80 16.79
N GLY A 167 11.41 13.72 15.86
CA GLY A 167 11.46 13.37 14.45
C GLY A 167 12.83 12.89 14.01
N GLU A 168 13.87 13.63 14.36
CA GLU A 168 15.22 13.28 13.94
C GLU A 168 15.84 12.17 14.78
N SER A 169 15.17 11.73 15.83
CA SER A 169 15.74 10.71 16.71
C SER A 169 16.05 9.44 15.92
N GLN A 170 17.00 8.66 16.44
CA GLN A 170 17.36 7.40 15.80
C GLN A 170 16.22 6.39 15.85
N ALA A 171 15.27 6.57 16.76
CA ALA A 171 14.09 5.70 16.78
C ALA A 171 13.24 5.91 15.53
N ILE A 172 12.98 7.18 15.18
CA ILE A 172 12.20 7.47 13.99
C ILE A 172 12.94 7.00 12.74
N THR A 173 14.28 7.11 12.75
CA THR A 173 15.06 6.61 11.62
C THR A 173 14.91 5.11 11.48
N GLN A 174 15.01 4.38 12.59
CA GLN A 174 14.81 2.93 12.55
C GLN A 174 13.38 2.59 12.14
N HIS A 175 12.41 3.38 12.60
CA HIS A 175 11.02 3.14 12.21
C HIS A 175 10.86 3.23 10.70
N LEU A 176 11.39 4.28 10.09
CA LEU A 176 11.26 4.45 8.65
C LEU A 176 12.03 3.36 7.90
N ALA A 177 13.22 3.01 8.37
CA ALA A 177 14.00 1.97 7.70
C ALA A 177 13.27 0.63 7.75
N ASP A 178 12.70 0.28 8.90
CA ASP A 178 11.97 -0.97 9.02
C ASP A 178 10.73 -0.98 8.15
N THR A 179 10.07 0.18 7.99
CA THR A 179 8.92 0.24 7.09
C THR A 179 9.33 0.03 5.64
N ASP A 180 10.46 0.64 5.22
CA ASP A 180 10.98 0.39 3.89
C ASP A 180 11.28 -1.09 3.70
N ALA A 181 11.79 -1.75 4.74
CA ALA A 181 12.03 -3.19 4.66
C ALA A 181 10.72 -3.96 4.54
N LEU A 182 9.70 -3.57 5.31
CA LEU A 182 8.41 -4.25 5.24
C LEU A 182 7.82 -4.16 3.84
N ALA A 183 7.88 -2.97 3.23
CA ALA A 183 7.39 -2.81 1.87
C ALA A 183 8.14 -3.72 0.91
N ARG A 184 9.45 -3.85 1.10
CA ARG A 184 10.24 -4.73 0.22
C ARG A 184 9.83 -6.19 0.41
N ALA A 185 9.56 -6.60 1.64
CA ALA A 185 9.15 -7.98 1.88
C ALA A 185 7.76 -8.25 1.30
N LEU A 186 6.90 -7.23 1.26
CA LEU A 186 5.59 -7.35 0.65
C LEU A 186 5.62 -7.09 -0.85
N ASN A 187 6.82 -6.96 -1.44
CA ASN A 187 6.99 -6.79 -2.88
C ASN A 187 6.15 -5.62 -3.41
N LEU A 188 6.06 -4.56 -2.62
CA LEU A 188 5.36 -3.36 -3.06
C LEU A 188 6.18 -2.64 -4.11
N SER A 189 5.47 -2.02 -5.07
CA SER A 189 6.11 -1.34 -6.19
C SER A 189 6.12 0.17 -6.05
N GLY A 190 5.34 0.73 -5.14
CA GLY A 190 5.27 2.17 -5.00
C GLY A 190 4.14 2.56 -4.07
N THR A 191 3.71 3.81 -4.19
CA THR A 191 2.68 4.39 -3.34
C THR A 191 1.54 4.93 -4.19
N PRO A 192 0.29 4.88 -3.68
CA PRO A 192 -0.12 4.28 -2.41
C PRO A 192 -0.22 2.76 -2.51
N ALA A 193 -0.18 2.08 -1.37
CA ALA A 193 -0.34 0.63 -1.32
C ALA A 193 -1.16 0.30 -0.07
N PHE A 194 -2.38 -0.15 -0.26
CA PHE A 194 -3.29 -0.46 0.83
C PHE A 194 -3.31 -1.95 1.09
N ILE A 195 -3.46 -2.32 2.37
CA ILE A 195 -3.50 -3.71 2.80
C ILE A 195 -4.65 -3.86 3.79
N VAL A 196 -5.69 -4.59 3.40
CA VAL A 196 -6.85 -4.86 4.25
C VAL A 196 -7.15 -6.35 4.14
N GLY A 197 -7.21 -7.03 5.29
CA GLY A 197 -7.32 -8.48 5.26
C GLY A 197 -6.13 -9.06 4.53
N ASP A 198 -6.39 -10.11 3.73
CA ASP A 198 -5.37 -10.67 2.87
C ASP A 198 -5.14 -9.83 1.61
N THR A 199 -6.04 -8.89 1.31
CA THR A 199 -6.01 -8.18 0.04
C THR A 199 -4.95 -7.08 0.03
N LEU A 200 -4.33 -6.88 -1.13
CA LEU A 200 -3.42 -5.77 -1.38
C LEU A 200 -3.98 -4.96 -2.55
N VAL A 201 -4.21 -3.67 -2.32
CA VAL A 201 -4.69 -2.76 -3.35
C VAL A 201 -3.52 -1.90 -3.81
N PRO A 202 -2.95 -2.13 -5.00
CA PRO A 202 -1.80 -1.33 -5.42
C PRO A 202 -2.21 -0.08 -6.17
N GLY A 203 -2.06 1.07 -5.52
CA GLY A 203 -2.36 2.34 -6.13
C GLY A 203 -3.59 2.98 -5.50
N ALA A 204 -4.01 4.09 -6.11
CA ALA A 204 -5.17 4.85 -5.65
C ALA A 204 -6.45 4.31 -6.30
N ASP A 205 -6.68 3.02 -6.07
CA ASP A 205 -7.89 2.34 -6.56
C ASP A 205 -8.91 2.35 -5.43
N ILE A 206 -9.64 3.46 -5.34
CA ILE A 206 -10.56 3.65 -4.22
C ILE A 206 -11.66 2.60 -4.23
N ASP A 207 -12.25 2.33 -5.40
CA ASP A 207 -13.36 1.39 -5.47
C ASP A 207 -12.93 0.00 -5.00
N ALA A 208 -11.74 -0.45 -5.40
CA ALA A 208 -11.27 -1.75 -4.96
C ALA A 208 -11.08 -1.79 -3.45
N LEU A 209 -10.58 -0.68 -2.87
CA LEU A 209 -10.39 -0.63 -1.43
C LEU A 209 -11.73 -0.66 -0.69
N LYS A 210 -12.72 0.10 -1.16
CA LYS A 210 -14.05 0.02 -0.58
C LYS A 210 -14.58 -1.41 -0.64
N LEU A 211 -14.44 -2.06 -1.80
CA LEU A 211 -14.92 -3.42 -1.94
C LEU A 211 -14.21 -4.37 -0.98
N ALA A 212 -12.89 -4.20 -0.83
CA ALA A 212 -12.13 -5.09 0.04
C ALA A 212 -12.53 -4.91 1.51
N ILE A 213 -12.82 -3.67 1.92
CA ILE A 213 -13.28 -3.43 3.28
C ILE A 213 -14.63 -4.11 3.51
N GLU A 214 -15.53 -4.01 2.53
CA GLU A 214 -16.82 -4.68 2.64
C GLU A 214 -16.64 -6.19 2.77
N GLN A 215 -15.78 -6.77 1.92
CA GLN A 215 -15.55 -8.21 1.97
C GLN A 215 -15.01 -8.63 3.33
N THR A 216 -14.04 -7.89 3.85
CA THR A 216 -13.43 -8.26 5.13
C THR A 216 -14.43 -8.07 6.28
N ARG A 217 -15.25 -7.03 6.22
CA ARG A 217 -16.29 -6.85 7.24
C ARG A 217 -17.24 -8.04 7.23
N ALA A 218 -17.69 -8.46 6.04
CA ALA A 218 -18.60 -9.59 5.95
C ALA A 218 -17.92 -10.88 6.40
N ALA A 219 -16.68 -11.10 5.98
CA ALA A 219 -15.99 -12.34 6.32
C ALA A 219 -15.73 -12.44 7.81
N ARG A 220 -15.19 -11.38 8.41
CA ARG A 220 -14.96 -11.37 9.85
C ARG A 220 -16.28 -11.44 10.63
N ALA A 221 -17.39 -11.00 10.02
CA ALA A 221 -18.68 -11.09 10.69
C ALA A 221 -19.24 -12.50 10.64
N LYS A 222 -18.86 -13.30 9.65
CA LYS A 222 -19.26 -14.71 9.62
C LYS A 222 -18.73 -15.46 10.83
N ALA A 223 -17.77 -14.89 11.55
CA ALA A 223 -17.23 -15.50 12.76
C ALA A 223 -16.58 -16.84 12.47
#